data_4WG5
#
_entry.id   4WG5
#
_cell.length_a   48.190
_cell.length_b   72.950
_cell.length_c   67.880
_cell.angle_alpha   90.000
_cell.angle_beta   102.480
_cell.angle_gamma   90.000
#
_symmetry.space_group_name_H-M   'P 1 21 1'
#
loop_
_entity.id
_entity.type
_entity.pdbx_description
1 polymer 'Calmodulin-domain protein kinase 1'
2 non-polymer 5-amino-3-[7-(cyclobutyloxy)quinolin-3-yl]-1-cyclohexyl-1H-pyrazole-4-carboxamide
3 water water
#
_entity_poly.entity_id   1
_entity_poly.type   'polypeptide(L)'
_entity_poly.pdbx_seq_one_letter_code
;GPGSMMDHLHATPGMFVQHSTAIFSDRYKGQRVLGKGSFGEVILCKDKITGQECAVKVISKRQVKQKTDKESLLREVQLL
KQLDHPNIMKLYEFFEDKGYFYLVGEVYTGGELFDEIISRKRFSEVDAARIIRQVLSGITYMHKNKIVHRDLKPENLLLE
SKSKDANIRIIDFGLSTHFEASKKMKDKIGTAYYIAPEVLHGTYDEKCDVWSTGVILYILLSGCPPFNGANEYDILKKVE
KGKYTFELPQWKKVSESAKDLIRKMLTYVPSMRISARDALDHEWIQTYTKEQISVDVPSLDNAILNIRQFQGTQKLAQAA
LLYMGSKLTSQDETKELTAIFHKMDKNGDGQLDRAELIEGYKELMRMKGQDASMLDASAVEHEVDQVLDAVDFDKNGYIE
YSEFVTVAMDRKTLLSRERLERAFRMFDSDNSGKISSTELATIFGVSDVDSETWKSVLSEVDKNNDGEVDFDEFQQMLLK
LCGN
;
_entity_poly.pdbx_strand_id   A
#
# COMPACT_ATOMS: atom_id res chain seq x y z
N THR A 21 -30.72 -2.56 -12.73
CA THR A 21 -29.80 -1.86 -11.78
C THR A 21 -28.36 -1.92 -12.35
N ALA A 22 -27.54 -0.94 -12.00
CA ALA A 22 -26.35 -0.69 -12.82
C ALA A 22 -25.21 -1.61 -12.48
N ILE A 23 -24.35 -1.83 -13.46
CA ILE A 23 -23.28 -2.84 -13.38
C ILE A 23 -22.02 -2.21 -13.80
N PHE A 24 -21.00 -2.45 -13.06
CA PHE A 24 -19.74 -1.84 -13.27
C PHE A 24 -19.15 -2.03 -14.69
N SER A 25 -19.06 -3.25 -15.17
CA SER A 25 -18.29 -3.47 -16.42
C SER A 25 -19.09 -3.14 -17.72
N ASP A 26 -20.37 -2.83 -17.55
CA ASP A 26 -21.17 -2.18 -18.60
C ASP A 26 -20.71 -0.73 -18.85
N ARG A 27 -20.03 -0.14 -17.85
CA ARG A 27 -19.63 1.24 -17.90
C ARG A 27 -18.12 1.44 -17.99
N TYR A 28 -17.34 0.60 -17.30
CA TYR A 28 -15.88 0.77 -17.29
C TYR A 28 -15.18 -0.46 -17.78
N LYS A 29 -14.19 -0.31 -18.66
CA LYS A 29 -13.18 -1.32 -18.93
C LYS A 29 -11.86 -1.04 -18.20
N GLY A 30 -11.17 -2.10 -17.84
CA GLY A 30 -9.89 -2.00 -17.16
C GLY A 30 -8.77 -1.84 -18.14
N GLN A 31 -7.88 -0.93 -17.83
CA GLN A 31 -6.79 -0.64 -18.72
C GLN A 31 -5.48 -1.20 -18.17
N ARG A 32 -5.29 -1.08 -16.86
CA ARG A 32 -4.20 -1.78 -16.18
C ARG A 32 -4.27 -1.68 -14.66
N VAL A 33 -3.53 -2.51 -13.96
CA VAL A 33 -3.54 -2.49 -12.51
C VAL A 33 -2.61 -1.40 -12.04
N LEU A 34 -3.04 -0.57 -11.09
CA LEU A 34 -2.16 0.44 -10.49
C LEU A 34 -1.44 -0.17 -9.29
N GLY A 35 -2.14 -1.02 -8.58
CA GLY A 35 -1.52 -1.78 -7.49
C GLY A 35 -2.49 -2.27 -6.42
N LYS A 36 -1.93 -2.44 -5.24
CA LYS A 36 -2.57 -3.08 -4.12
C LYS A 36 -2.58 -2.06 -2.99
N GLY A 37 -3.79 -1.74 -2.53
CA GLY A 37 -3.97 -0.81 -1.46
C GLY A 37 -4.76 -1.44 -0.36
N SER A 38 -5.11 -0.63 0.63
CA SER A 38 -5.97 -1.08 1.70
C SER A 38 -7.24 -1.61 1.13
N PHE A 39 -7.64 -2.76 1.64
CA PHE A 39 -8.95 -3.37 1.33
C PHE A 39 -9.14 -3.96 -0.05
N GLY A 40 -8.21 -3.77 -0.97
CA GLY A 40 -8.34 -4.36 -2.28
C GLY A 40 -7.36 -3.88 -3.35
N GLU A 41 -7.61 -4.31 -4.58
CA GLU A 41 -6.77 -3.90 -5.70
C GLU A 41 -7.27 -2.58 -6.31
N VAL A 42 -6.38 -1.76 -6.81
CA VAL A 42 -6.78 -0.56 -7.51
C VAL A 42 -6.40 -0.68 -8.98
N ILE A 43 -7.40 -0.53 -9.84
CA ILE A 43 -7.28 -0.70 -11.26
C ILE A 43 -7.54 0.65 -11.97
N LEU A 44 -6.65 1.01 -12.92
CA LEU A 44 -6.92 2.09 -13.86
C LEU A 44 -8.01 1.69 -14.88
N CYS A 45 -9.11 2.42 -14.86
CA CYS A 45 -10.33 2.08 -15.61
C CYS A 45 -10.72 3.24 -16.53
N LYS A 46 -11.53 2.92 -17.51
CA LYS A 46 -11.91 3.88 -18.50
C LYS A 46 -13.38 3.73 -18.86
N ASP A 47 -14.14 4.81 -18.79
CA ASP A 47 -15.49 4.79 -19.20
C ASP A 47 -15.55 4.44 -20.71
N LYS A 48 -16.36 3.46 -21.07
CA LYS A 48 -16.51 2.96 -22.43
C LYS A 48 -17.16 3.97 -23.42
N ILE A 49 -17.89 4.95 -22.91
CA ILE A 49 -18.48 6.00 -23.74
C ILE A 49 -17.67 7.30 -23.78
N THR A 50 -17.39 7.88 -22.60
CA THR A 50 -16.72 9.18 -22.49
C THR A 50 -15.22 9.13 -22.54
N GLY A 51 -14.59 7.96 -22.43
CA GLY A 51 -13.16 7.91 -22.33
C GLY A 51 -12.58 8.55 -21.05
N GLN A 52 -13.41 8.87 -20.06
CA GLN A 52 -12.91 9.35 -18.77
CA GLN A 52 -12.89 9.34 -18.77
C GLN A 52 -12.16 8.24 -18.03
N GLU A 53 -10.93 8.55 -17.64
CA GLU A 53 -10.08 7.68 -16.80
C GLU A 53 -10.47 7.77 -15.38
N CYS A 54 -10.38 6.65 -14.67
CA CYS A 54 -10.63 6.62 -13.22
CA CYS A 54 -10.74 6.54 -13.25
C CYS A 54 -9.84 5.50 -12.56
N ALA A 55 -9.59 5.68 -11.25
CA ALA A 55 -8.90 4.68 -10.40
C ALA A 55 -9.96 3.95 -9.59
N VAL A 56 -9.97 2.66 -9.63
CA VAL A 56 -11.11 1.93 -9.10
C VAL A 56 -10.66 0.96 -8.06
N LYS A 57 -11.10 1.18 -6.85
CA LYS A 57 -10.68 0.26 -5.78
C LYS A 57 -11.69 -0.84 -5.74
N VAL A 58 -11.22 -2.07 -5.72
CA VAL A 58 -12.10 -3.28 -5.85
C VAL A 58 -11.92 -4.12 -4.56
N ILE A 59 -12.99 -4.12 -3.75
CA ILE A 59 -12.99 -4.79 -2.50
C ILE A 59 -13.75 -6.07 -2.63
N SER A 60 -13.02 -7.18 -2.48
CA SER A 60 -13.61 -8.53 -2.49
C SER A 60 -14.41 -8.79 -1.23
N LYS A 61 -15.68 -9.10 -1.36
CA LYS A 61 -16.47 -9.41 -0.16
C LYS A 61 -15.93 -10.64 0.63
N ARG A 62 -15.37 -11.61 -0.09
CA ARG A 62 -14.74 -12.77 0.54
C ARG A 62 -13.56 -12.41 1.41
N GLN A 63 -12.77 -11.43 1.03
CA GLN A 63 -11.54 -11.11 1.72
C GLN A 63 -11.71 -10.08 2.82
N VAL A 64 -12.84 -9.39 2.82
CA VAL A 64 -13.02 -8.28 3.72
C VAL A 64 -14.39 -8.38 4.38
N LYS A 65 -14.40 -8.27 5.70
CA LYS A 65 -15.65 -8.18 6.42
C LYS A 65 -16.15 -6.74 6.36
N GLN A 66 -17.45 -6.59 6.50
CA GLN A 66 -18.10 -5.32 6.60
C GLN A 66 -18.48 -5.09 8.06
N LYS A 67 -18.22 -3.90 8.58
CA LYS A 67 -18.55 -3.56 9.98
C LYS A 67 -19.98 -3.00 10.16
N THR A 68 -20.53 -2.47 9.08
CA THR A 68 -21.83 -1.87 9.11
C THR A 68 -22.85 -2.64 8.21
N ASP A 69 -24.09 -2.20 8.29
CA ASP A 69 -25.11 -2.74 7.44
C ASP A 69 -25.07 -2.00 6.10
N LYS A 70 -25.59 -2.68 5.08
CA LYS A 70 -25.73 -2.12 3.75
C LYS A 70 -26.19 -0.66 3.79
N GLU A 71 -27.34 -0.42 4.43
CA GLU A 71 -27.90 0.92 4.63
C GLU A 71 -26.88 2.02 5.02
N SER A 72 -26.12 1.76 6.07
CA SER A 72 -25.18 2.72 6.61
C SER A 72 -24.08 3.05 5.58
N LEU A 73 -23.61 2.04 4.84
CA LEU A 73 -22.57 2.26 3.85
C LEU A 73 -23.06 3.05 2.62
N LEU A 74 -24.24 2.73 2.11
CA LEU A 74 -24.86 3.47 1.01
C LEU A 74 -25.01 4.97 1.36
N ARG A 75 -25.44 5.26 2.59
CA ARG A 75 -25.49 6.64 3.09
C ARG A 75 -24.15 7.34 3.08
N GLU A 76 -23.13 6.64 3.57
CA GLU A 76 -21.77 7.21 3.64
C GLU A 76 -21.21 7.49 2.21
N VAL A 77 -21.45 6.53 1.31
CA VAL A 77 -21.09 6.74 -0.10
C VAL A 77 -21.73 7.98 -0.77
N GLN A 78 -23.00 8.19 -0.48
CA GLN A 78 -23.76 9.24 -1.07
C GLN A 78 -23.18 10.57 -0.61
N LEU A 79 -22.84 10.62 0.67
CA LEU A 79 -22.25 11.76 1.22
C LEU A 79 -20.94 12.02 0.57
N LEU A 80 -20.04 11.03 0.60
CA LEU A 80 -18.68 11.17 0.01
C LEU A 80 -18.70 11.68 -1.43
N LYS A 81 -19.60 11.17 -2.25
CA LYS A 81 -19.72 11.67 -3.61
C LYS A 81 -20.01 13.21 -3.68
N GLN A 82 -20.67 13.76 -2.71
CA GLN A 82 -20.95 15.16 -2.74
C GLN A 82 -19.88 16.05 -2.11
N LEU A 83 -18.89 15.48 -1.44
CA LEU A 83 -17.86 16.27 -0.77
C LEU A 83 -16.78 16.62 -1.80
N ASP A 84 -16.12 17.75 -1.56
CA ASP A 84 -15.14 18.18 -2.47
C ASP A 84 -14.10 18.97 -1.71
N HIS A 85 -12.85 18.56 -1.84
CA HIS A 85 -11.80 19.30 -1.26
C HIS A 85 -10.52 18.99 -2.05
N PRO A 86 -9.67 19.99 -2.27
CA PRO A 86 -8.42 19.80 -3.05
C PRO A 86 -7.40 18.82 -2.47
N ASN A 87 -7.44 18.57 -1.16
CA ASN A 87 -6.56 17.58 -0.54
C ASN A 87 -7.22 16.19 -0.21
N ILE A 88 -8.31 15.87 -0.84
CA ILE A 88 -9.04 14.67 -0.56
C ILE A 88 -9.42 14.04 -1.89
N MET A 89 -9.15 12.74 -1.98
CA MET A 89 -9.46 11.98 -3.19
C MET A 89 -10.93 12.15 -3.53
N LYS A 90 -11.25 12.57 -4.72
CA LYS A 90 -12.60 12.70 -5.17
C LYS A 90 -13.16 11.31 -5.55
N LEU A 91 -14.29 10.97 -4.95
CA LEU A 91 -15.06 9.83 -5.31
C LEU A 91 -16.23 10.14 -6.22
N TYR A 92 -16.44 9.34 -7.26
CA TYR A 92 -17.46 9.69 -8.31
C TYR A 92 -18.63 8.75 -8.35
N GLU A 93 -18.31 7.45 -8.30
CA GLU A 93 -19.29 6.32 -8.36
C GLU A 93 -18.95 5.15 -7.42
N PHE A 94 -19.94 4.35 -7.20
CA PHE A 94 -19.87 3.17 -6.32
C PHE A 94 -20.76 2.13 -6.96
N PHE A 95 -20.30 0.89 -7.02
CA PHE A 95 -21.08 -0.22 -7.56
C PHE A 95 -20.87 -1.39 -6.60
N GLU A 96 -21.78 -2.36 -6.67
CA GLU A 96 -21.75 -3.55 -5.89
C GLU A 96 -22.37 -4.66 -6.69
N ASP A 97 -21.73 -5.81 -6.69
CA ASP A 97 -22.34 -7.01 -7.19
C ASP A 97 -22.27 -8.10 -6.14
N LYS A 98 -22.37 -9.33 -6.58
CA LYS A 98 -22.33 -10.50 -5.71
C LYS A 98 -21.04 -10.56 -4.92
N GLY A 99 -19.89 -10.46 -5.59
CA GLY A 99 -18.60 -10.73 -4.96
C GLY A 99 -17.84 -9.47 -4.57
N TYR A 100 -18.33 -8.26 -4.85
CA TYR A 100 -17.42 -7.12 -4.85
C TYR A 100 -18.10 -5.83 -4.75
N PHE A 101 -17.34 -4.86 -4.24
CA PHE A 101 -17.63 -3.47 -4.24
C PHE A 101 -16.59 -2.83 -5.13
N TYR A 102 -17.05 -1.88 -5.94
CA TYR A 102 -16.22 -1.13 -6.90
C TYR A 102 -16.26 0.36 -6.52
N LEU A 103 -15.20 0.92 -5.97
CA LEU A 103 -15.23 2.34 -5.65
C LEU A 103 -14.48 3.12 -6.76
N VAL A 104 -15.13 4.11 -7.39
CA VAL A 104 -14.61 4.74 -8.56
C VAL A 104 -14.16 6.16 -8.24
N GLY A 105 -12.88 6.45 -8.44
CA GLY A 105 -12.45 7.78 -8.08
C GLY A 105 -11.45 8.29 -9.04
N GLU A 106 -11.01 9.51 -8.78
CA GLU A 106 -10.16 10.19 -9.66
C GLU A 106 -8.83 9.56 -9.60
N VAL A 107 -8.18 9.46 -10.76
CA VAL A 107 -6.78 8.99 -10.92
C VAL A 107 -5.78 10.02 -10.48
N TYR A 108 -4.84 9.68 -9.57
CA TYR A 108 -3.68 10.52 -9.31
C TYR A 108 -2.40 9.85 -9.69
N THR A 109 -1.47 10.61 -10.27
CA THR A 109 -0.33 10.04 -10.99
C THR A 109 1.01 10.43 -10.38
N GLY A 110 1.02 11.11 -9.24
CA GLY A 110 2.28 11.58 -8.64
C GLY A 110 2.88 10.61 -7.63
N GLY A 111 2.12 9.59 -7.25
CA GLY A 111 2.64 8.49 -6.42
C GLY A 111 2.67 8.84 -4.95
N GLU A 112 3.17 7.91 -4.13
CA GLU A 112 3.24 8.19 -2.68
C GLU A 112 4.17 9.39 -2.36
N LEU A 113 3.68 10.29 -1.55
CA LEU A 113 4.48 11.38 -0.97
C LEU A 113 5.94 11.06 -0.60
N PHE A 114 6.16 10.08 0.29
CA PHE A 114 7.55 9.73 0.75
C PHE A 114 8.47 9.23 -0.37
N ASP A 115 7.89 8.61 -1.39
CA ASP A 115 8.66 8.17 -2.57
C ASP A 115 9.18 9.36 -3.39
N GLU A 116 8.44 10.48 -3.38
CA GLU A 116 8.90 11.70 -4.03
C GLU A 116 9.89 12.45 -3.14
N ILE A 117 9.75 12.30 -1.84
CA ILE A 117 10.61 13.06 -0.93
C ILE A 117 12.02 12.52 -0.91
N ILE A 118 12.15 11.21 -1.01
CA ILE A 118 13.48 10.62 -1.05
C ILE A 118 14.24 10.98 -2.35
N SER A 119 13.50 11.39 -3.37
CA SER A 119 14.11 11.78 -4.62
C SER A 119 14.66 13.22 -4.59
N ARG A 120 14.60 13.86 -3.42
CA ARG A 120 14.78 15.30 -3.30
C ARG A 120 16.17 15.71 -2.86
N LYS A 121 16.68 16.76 -3.47
CA LYS A 121 17.99 17.28 -3.07
C LYS A 121 17.93 18.00 -1.71
N ARG A 122 16.86 18.74 -1.49
CA ARG A 122 16.74 19.56 -0.30
C ARG A 122 15.38 19.42 0.33
N PHE A 123 15.36 19.27 1.65
CA PHE A 123 14.12 19.33 2.39
C PHE A 123 14.23 20.28 3.59
N SER A 124 13.27 21.18 3.85
CA SER A 124 13.37 22.10 5.02
C SER A 124 12.06 22.14 5.79
N GLU A 125 12.01 22.87 6.90
CA GLU A 125 10.77 22.99 7.69
C GLU A 125 9.63 23.62 6.92
N VAL A 126 10.00 24.35 5.87
CA VAL A 126 9.04 25.01 5.03
C VAL A 126 8.39 23.95 4.16
N ASP A 127 9.16 22.96 3.69
CA ASP A 127 8.64 21.91 2.81
C ASP A 127 7.74 21.05 3.61
N ALA A 128 8.19 20.70 4.82
CA ALA A 128 7.32 20.01 5.79
C ALA A 128 6.06 20.73 6.18
N ALA A 129 6.16 22.03 6.42
CA ALA A 129 4.99 22.82 6.84
C ALA A 129 3.97 23.00 5.68
N ARG A 130 4.43 22.96 4.45
CA ARG A 130 3.47 23.08 3.34
C ARG A 130 2.71 21.77 3.21
N ILE A 131 3.41 20.71 3.50
CA ILE A 131 2.83 19.37 3.35
C ILE A 131 1.83 19.17 4.46
N ILE A 132 2.26 19.54 5.68
CA ILE A 132 1.40 19.29 6.82
C ILE A 132 0.11 20.05 6.79
N ARG A 133 0.19 21.29 6.28
CA ARG A 133 -0.97 22.13 6.20
C ARG A 133 -1.93 21.57 5.13
N GLN A 134 -1.41 20.97 4.09
CA GLN A 134 -2.31 20.33 3.09
C GLN A 134 -3.13 19.24 3.77
N VAL A 135 -2.45 18.49 4.65
CA VAL A 135 -2.99 17.27 5.22
C VAL A 135 -4.06 17.67 6.22
N LEU A 136 -3.71 18.69 7.03
CA LEU A 136 -4.57 19.22 8.08
C LEU A 136 -5.79 19.89 7.54
N SER A 137 -5.59 20.57 6.45
CA SER A 137 -6.67 21.26 5.78
C SER A 137 -7.70 20.17 5.28
N GLY A 138 -7.22 19.13 4.70
CA GLY A 138 -8.11 18.01 4.17
C GLY A 138 -8.84 17.34 5.32
N ILE A 139 -8.14 17.19 6.48
CA ILE A 139 -8.72 16.55 7.60
C ILE A 139 -9.80 17.39 8.25
N THR A 140 -9.49 18.68 8.50
CA THR A 140 -10.42 19.58 9.13
C THR A 140 -11.71 19.59 8.28
N TYR A 141 -11.60 19.69 6.98
CA TYR A 141 -12.81 19.55 6.14
C TYR A 141 -13.63 18.29 6.47
N MET A 142 -12.96 17.18 6.43
CA MET A 142 -13.61 15.87 6.65
C MET A 142 -14.23 15.71 8.02
N HIS A 143 -13.59 16.36 9.05
CA HIS A 143 -14.09 16.35 10.37
C HIS A 143 -15.35 17.17 10.56
N LYS A 144 -15.40 18.32 9.91
CA LYS A 144 -16.68 19.08 9.81
C LYS A 144 -17.79 18.29 9.13
N ASN A 145 -17.42 17.37 8.31
CA ASN A 145 -18.47 16.41 7.79
C ASN A 145 -18.64 15.11 8.56
N LYS A 146 -17.99 15.02 9.73
CA LYS A 146 -18.13 13.87 10.60
C LYS A 146 -17.55 12.57 10.05
N ILE A 147 -16.47 12.66 9.31
CA ILE A 147 -15.82 11.51 8.72
C ILE A 147 -14.44 11.47 9.26
N VAL A 148 -14.07 10.33 9.87
CA VAL A 148 -12.76 10.09 10.45
C VAL A 148 -11.97 9.15 9.53
N HIS A 149 -10.67 9.37 9.40
CA HIS A 149 -9.87 8.43 8.56
C HIS A 149 -9.54 7.21 9.39
N ARG A 150 -8.85 7.45 10.50
CA ARG A 150 -8.51 6.41 11.45
C ARG A 150 -7.21 5.66 11.16
N ASP A 151 -6.89 5.49 9.90
CA ASP A 151 -5.67 4.81 9.49
C ASP A 151 -4.74 5.72 8.74
N LEU A 152 -4.76 7.03 9.08
CA LEU A 152 -3.93 7.97 8.34
C LEU A 152 -2.46 7.51 8.40
N LYS A 153 -1.75 7.48 7.28
CA LYS A 153 -0.34 7.20 7.26
C LYS A 153 0.25 7.63 5.93
N PRO A 154 1.56 7.55 5.74
CA PRO A 154 2.19 8.06 4.51
C PRO A 154 1.73 7.46 3.21
N GLU A 155 1.33 6.19 3.19
CA GLU A 155 0.86 5.53 1.98
C GLU A 155 -0.39 6.13 1.48
N ASN A 156 -1.18 6.73 2.36
CA ASN A 156 -2.47 7.39 2.00
C ASN A 156 -2.36 8.83 1.54
N LEU A 157 -1.13 9.25 1.30
CA LEU A 157 -0.82 10.56 0.83
C LEU A 157 -0.24 10.33 -0.50
N LEU A 158 -1.08 10.62 -1.51
CA LEU A 158 -0.71 10.59 -2.91
C LEU A 158 -0.55 12.01 -3.36
N LEU A 159 0.40 12.23 -4.24
CA LEU A 159 0.54 13.49 -4.95
C LEU A 159 -0.31 13.47 -6.28
N GLU A 160 -0.90 14.61 -6.61
CA GLU A 160 -1.89 14.66 -7.68
C GLU A 160 -1.28 14.43 -9.05
N SER A 161 -0.09 14.96 -9.26
CA SER A 161 0.62 14.70 -10.54
C SER A 161 2.10 14.56 -10.29
N LYS A 162 2.86 14.35 -11.36
CA LYS A 162 4.30 14.26 -11.21
C LYS A 162 5.04 15.59 -11.17
N SER A 163 4.31 16.70 -11.24
CA SER A 163 4.88 18.02 -10.91
C SER A 163 5.60 18.07 -9.54
N LYS A 164 6.38 19.13 -9.33
CA LYS A 164 7.14 19.34 -8.09
C LYS A 164 6.33 20.08 -7.04
N ASP A 165 5.29 20.77 -7.47
CA ASP A 165 4.46 21.56 -6.56
C ASP A 165 3.08 20.91 -6.38
N ALA A 166 3.05 19.59 -6.55
CA ALA A 166 1.79 18.87 -6.64
C ALA A 166 1.04 18.94 -5.31
N ASN A 167 -0.28 19.02 -5.42
CA ASN A 167 -1.13 18.85 -4.26
C ASN A 167 -1.16 17.41 -3.77
N ILE A 168 -1.39 17.30 -2.47
CA ILE A 168 -1.47 16.03 -1.79
C ILE A 168 -2.94 15.69 -1.70
N ARG A 169 -3.26 14.45 -2.04
CA ARG A 169 -4.61 13.96 -1.97
C ARG A 169 -4.59 12.81 -1.05
N ILE A 170 -5.42 12.85 -0.01
CA ILE A 170 -5.49 11.82 0.98
C ILE A 170 -6.51 10.80 0.42
N ILE A 171 -6.09 9.56 0.28
CA ILE A 171 -6.93 8.43 -0.07
C ILE A 171 -7.47 7.67 1.10
N ASP A 172 -8.61 7.06 0.89
CA ASP A 172 -9.17 6.11 1.84
C ASP A 172 -9.93 6.75 3.03
N PHE A 173 -10.25 7.98 2.92
CA PHE A 173 -11.03 8.62 3.98
C PHE A 173 -12.39 8.03 4.00
N GLY A 174 -12.70 7.19 4.98
CA GLY A 174 -14.04 6.73 5.19
C GLY A 174 -14.14 5.22 5.18
N LEU A 175 -13.11 4.54 4.67
CA LEU A 175 -13.16 3.07 4.54
C LEU A 175 -13.09 2.23 5.84
N SER A 176 -12.21 2.63 6.74
CA SER A 176 -12.07 2.03 8.05
C SER A 176 -13.34 1.95 8.93
N THR A 177 -14.31 2.82 8.69
CA THR A 177 -15.52 2.82 9.45
C THR A 177 -16.45 1.72 8.98
N HIS A 178 -16.27 1.26 7.75
CA HIS A 178 -17.21 0.31 7.14
C HIS A 178 -16.64 -1.07 6.81
N PHE A 179 -15.33 -1.19 6.74
CA PHE A 179 -14.69 -2.45 6.38
C PHE A 179 -13.71 -2.86 7.44
N GLU A 180 -13.66 -4.14 7.72
CA GLU A 180 -12.82 -4.69 8.77
C GLU A 180 -11.42 -4.92 8.18
N ALA A 181 -10.41 -4.40 8.88
CA ALA A 181 -9.01 -4.43 8.37
C ALA A 181 -8.43 -5.86 8.33
N SER A 182 -7.52 -6.10 7.38
CA SER A 182 -6.81 -7.39 7.29
C SER A 182 -5.96 -7.60 8.53
N LYS A 183 -5.93 -8.83 9.02
CA LYS A 183 -5.03 -9.20 10.09
C LYS A 183 -3.73 -9.76 9.53
N LYS A 184 -3.65 -9.89 8.21
CA LYS A 184 -2.49 -10.40 7.52
C LYS A 184 -1.41 -9.34 7.51
N MET A 185 -0.17 -9.76 7.80
CA MET A 185 0.96 -8.85 7.93
C MET A 185 1.33 -8.24 6.60
N LYS A 186 1.15 -8.98 5.51
CA LYS A 186 1.31 -8.38 4.18
C LYS A 186 0.48 -7.11 3.98
N ASP A 187 -0.67 -7.05 4.64
CA ASP A 187 -1.58 -5.92 4.54
C ASP A 187 -1.46 -4.94 5.71
N LYS A 188 -1.06 -5.35 6.91
CA LYS A 188 -0.97 -4.40 8.01
C LYS A 188 0.42 -3.86 8.25
N ILE A 189 1.40 -4.29 7.46
CA ILE A 189 2.79 -3.82 7.61
C ILE A 189 2.91 -2.31 7.41
N GLY A 190 3.58 -1.60 8.33
CA GLY A 190 3.67 -0.12 8.29
C GLY A 190 2.66 0.54 9.18
N THR A 191 1.52 -0.09 9.47
CA THR A 191 0.43 0.57 10.27
C THR A 191 0.73 0.98 11.71
N ALA A 192 1.48 0.20 12.46
CA ALA A 192 1.59 0.40 13.93
C ALA A 192 2.21 1.76 14.33
N TYR A 193 3.07 2.29 13.49
CA TYR A 193 3.78 3.52 13.82
C TYR A 193 2.83 4.68 14.02
N TYR A 194 1.68 4.66 13.28
CA TYR A 194 0.81 5.84 13.09
C TYR A 194 -0.56 5.76 13.85
N ILE A 195 -0.80 4.64 14.53
CA ILE A 195 -2.10 4.41 15.13
C ILE A 195 -2.09 5.09 16.48
N ALA A 196 -3.24 5.76 16.78
CA ALA A 196 -3.39 6.49 18.04
C ALA A 196 -3.73 5.49 19.07
N PRO A 197 -3.15 5.69 20.28
CA PRO A 197 -3.34 4.76 21.38
C PRO A 197 -4.83 4.46 21.68
N GLU A 198 -5.72 5.45 21.55
CA GLU A 198 -7.11 5.24 21.84
C GLU A 198 -7.77 4.31 20.85
N VAL A 199 -7.20 4.18 19.68
CA VAL A 199 -7.77 3.25 18.66
C VAL A 199 -7.54 1.81 19.13
N LEU A 200 -6.42 1.62 19.81
CA LEU A 200 -6.01 0.38 20.37
C LEU A 200 -6.97 -0.10 21.39
N HIS A 201 -7.44 0.82 22.20
CA HIS A 201 -8.29 0.51 23.35
C HIS A 201 -9.78 0.54 23.01
N GLY A 202 -10.16 1.04 21.84
CA GLY A 202 -11.57 1.00 21.38
C GLY A 202 -12.38 2.28 21.43
N THR A 203 -11.96 3.32 22.21
CA THR A 203 -12.78 4.50 22.36
C THR A 203 -12.01 5.56 21.65
N TYR A 204 -12.42 5.86 20.41
CA TYR A 204 -11.72 6.80 19.58
C TYR A 204 -12.69 7.72 18.87
N ASP A 205 -12.25 8.96 18.63
CA ASP A 205 -13.00 9.93 17.84
C ASP A 205 -12.07 10.54 16.81
N GLU A 206 -12.47 11.67 16.22
CA GLU A 206 -11.72 12.27 15.16
C GLU A 206 -10.33 12.68 15.51
N LYS A 207 -10.08 12.93 16.78
CA LYS A 207 -8.71 13.29 17.22
C LYS A 207 -7.64 12.26 16.94
N CYS A 208 -8.02 10.99 16.57
CA CYS A 208 -7.04 10.03 16.25
C CYS A 208 -6.28 10.48 15.05
N ASP A 209 -6.95 11.20 14.10
CA ASP A 209 -6.32 11.65 12.86
C ASP A 209 -5.31 12.75 13.14
N VAL A 210 -5.45 13.46 14.23
CA VAL A 210 -4.41 14.45 14.60
C VAL A 210 -3.18 13.77 15.05
N TRP A 211 -3.30 12.62 15.75
CA TRP A 211 -2.18 11.93 16.25
C TRP A 211 -1.35 11.43 15.15
N SER A 212 -2.05 10.71 14.17
CA SER A 212 -1.40 10.07 13.14
C SER A 212 -0.58 11.06 12.34
N THR A 213 -1.17 12.24 12.07
CA THR A 213 -0.51 13.38 11.42
C THR A 213 0.63 13.90 12.26
N GLY A 214 0.44 13.94 13.51
CA GLY A 214 1.57 14.34 14.43
C GLY A 214 2.74 13.41 14.25
N VAL A 215 2.46 12.08 13.92
CA VAL A 215 3.54 11.11 13.87
C VAL A 215 4.29 11.38 12.56
N ILE A 216 3.50 11.51 11.49
CA ILE A 216 3.97 11.83 10.14
C ILE A 216 4.78 13.16 10.18
N LEU A 217 4.25 14.17 10.83
CA LEU A 217 5.13 15.36 11.07
C LEU A 217 6.50 15.03 11.77
N TYR A 218 6.50 14.25 12.86
CA TYR A 218 7.72 13.93 13.51
C TYR A 218 8.74 13.28 12.51
N ILE A 219 8.19 12.43 11.57
CA ILE A 219 9.02 11.61 10.76
C ILE A 219 9.61 12.47 9.68
N LEU A 220 8.77 13.38 9.18
CA LEU A 220 9.21 14.34 8.22
C LEU A 220 10.41 15.21 8.70
N LEU A 221 10.45 15.54 9.96
CA LEU A 221 11.52 16.44 10.48
C LEU A 221 12.69 15.72 11.12
N SER A 222 12.63 14.39 11.24
CA SER A 222 13.74 13.62 11.81
C SER A 222 14.10 12.42 11.02
N GLY A 223 13.14 11.89 10.25
CA GLY A 223 13.32 10.64 9.52
C GLY A 223 13.24 9.36 10.35
N CYS A 224 12.92 9.48 11.64
CA CYS A 224 12.65 8.33 12.51
C CYS A 224 11.26 8.38 13.13
N PRO A 225 10.59 7.24 13.16
CA PRO A 225 9.32 7.26 13.84
C PRO A 225 9.51 7.60 15.32
N PRO A 226 8.51 8.27 15.90
CA PRO A 226 8.61 8.58 17.33
C PRO A 226 8.45 7.34 18.23
N PHE A 227 7.60 6.41 17.80
CA PHE A 227 7.43 5.15 18.52
C PHE A 227 7.90 4.03 17.59
N ASN A 228 8.90 3.35 18.06
CA ASN A 228 9.65 2.48 17.22
C ASN A 228 9.99 1.25 18.05
N GLY A 229 10.29 0.14 17.38
CA GLY A 229 10.48 -1.15 18.08
C GLY A 229 10.82 -2.21 17.05
N ALA A 230 11.24 -3.39 17.48
CA ALA A 230 11.82 -4.39 16.58
C ALA A 230 10.79 -5.17 15.74
N ASN A 231 9.52 -5.08 16.15
CA ASN A 231 8.48 -5.86 15.56
C ASN A 231 7.20 -5.17 15.92
N GLU A 232 6.13 -5.56 15.27
CA GLU A 232 4.91 -4.85 15.41
C GLU A 232 4.44 -4.74 16.87
N TYR A 233 4.50 -5.78 17.66
CA TYR A 233 3.99 -5.70 19.01
C TYR A 233 4.80 -4.71 19.87
N ASP A 234 6.12 -4.69 19.65
CA ASP A 234 7.01 -3.81 20.33
C ASP A 234 6.74 -2.38 19.94
N ILE A 235 6.31 -2.16 18.70
CA ILE A 235 5.91 -0.80 18.29
C ILE A 235 4.65 -0.39 19.05
N LEU A 236 3.64 -1.23 18.99
CA LEU A 236 2.37 -1.00 19.65
C LEU A 236 2.50 -0.70 21.13
N LYS A 237 3.44 -1.37 21.79
CA LYS A 237 3.70 -1.15 23.16
C LYS A 237 4.24 0.22 23.45
N LYS A 238 5.18 0.73 22.65
CA LYS A 238 5.66 2.10 22.81
C LYS A 238 4.51 3.06 22.59
N VAL A 239 3.69 2.80 21.58
CA VAL A 239 2.57 3.64 21.25
C VAL A 239 1.61 3.70 22.42
N GLU A 240 1.21 2.57 22.96
CA GLU A 240 0.21 2.61 24.01
C GLU A 240 0.73 3.38 25.27
N LYS A 241 2.03 3.34 25.54
CA LYS A 241 2.66 4.14 26.60
C LYS A 241 2.69 5.60 26.26
N GLY A 242 2.83 5.93 24.99
CA GLY A 242 2.70 7.30 24.51
C GLY A 242 3.89 8.21 24.79
N LYS A 243 5.03 7.66 25.23
CA LYS A 243 6.27 8.45 25.40
C LYS A 243 7.20 8.45 24.14
N TYR A 244 7.75 9.60 23.82
CA TYR A 244 8.78 9.76 22.81
C TYR A 244 9.64 10.98 23.28
N THR A 245 10.82 11.18 22.69
CA THR A 245 11.62 12.34 23.04
C THR A 245 12.15 13.02 21.84
N PHE A 246 12.71 14.22 22.03
CA PHE A 246 13.27 14.96 20.90
C PHE A 246 14.78 14.93 20.97
N GLU A 247 15.30 14.10 21.86
CA GLU A 247 16.76 13.88 21.94
C GLU A 247 17.19 12.93 20.85
N LEU A 248 17.42 13.46 19.68
CA LEU A 248 18.31 12.82 18.75
C LEU A 248 18.99 14.01 18.16
N PRO A 249 20.14 13.85 17.48
CA PRO A 249 20.81 15.08 17.06
C PRO A 249 19.97 15.90 16.12
N GLN A 250 19.38 15.27 15.11
CA GLN A 250 18.72 16.07 14.10
C GLN A 250 17.63 16.97 14.63
N TRP A 251 17.20 16.76 15.87
CA TRP A 251 16.24 17.68 16.46
C TRP A 251 16.90 19.03 16.88
N LYS A 252 18.22 19.15 16.69
CA LYS A 252 18.93 20.38 16.99
C LYS A 252 18.64 21.45 15.95
N LYS A 253 18.53 21.05 14.69
CA LYS A 253 18.22 21.99 13.57
C LYS A 253 16.75 22.44 13.48
N VAL A 254 15.89 21.93 14.38
CA VAL A 254 14.46 22.19 14.30
C VAL A 254 13.94 23.21 15.29
N SER A 255 13.00 24.04 14.85
CA SER A 255 12.50 25.14 15.65
C SER A 255 11.71 24.67 16.85
N GLU A 256 11.66 25.49 17.88
CA GLU A 256 10.87 25.16 19.07
C GLU A 256 9.38 25.12 18.74
N SER A 257 9.04 25.91 17.77
CA SER A 257 7.70 26.08 17.32
C SER A 257 7.15 24.77 16.74
N ALA A 258 7.94 24.09 15.90
CA ALA A 258 7.55 22.72 15.39
C ALA A 258 7.42 21.74 16.48
N LYS A 259 8.36 21.75 17.43
CA LYS A 259 8.30 20.73 18.46
C LYS A 259 7.12 20.97 19.37
N ASP A 260 6.65 22.19 19.42
CA ASP A 260 5.53 22.51 20.29
C ASP A 260 4.23 21.96 19.72
N LEU A 261 4.11 22.06 18.39
CA LEU A 261 2.95 21.61 17.68
C LEU A 261 2.93 20.09 17.74
N ILE A 262 4.05 19.46 17.38
CA ILE A 262 4.16 18.02 17.57
C ILE A 262 3.67 17.69 18.95
N ARG A 263 4.25 18.31 20.01
CA ARG A 263 3.83 17.97 21.39
C ARG A 263 2.32 17.95 21.62
N LYS A 264 1.62 18.94 21.07
CA LYS A 264 0.16 19.07 21.20
C LYS A 264 -0.62 18.04 20.32
N MET A 265 -0.04 17.67 19.21
CA MET A 265 -0.69 16.60 18.38
C MET A 265 -0.46 15.22 18.96
N LEU A 266 0.61 15.08 19.79
CA LEU A 266 0.98 13.75 20.38
C LEU A 266 0.61 13.69 21.79
N THR A 267 -0.46 14.40 22.11
CA THR A 267 -0.94 14.53 23.50
C THR A 267 -1.85 13.35 23.67
N TYR A 268 -1.54 12.58 24.69
CA TYR A 268 -2.13 11.31 24.94
C TYR A 268 -3.65 11.35 25.02
N VAL A 269 -4.18 12.14 25.96
CA VAL A 269 -5.61 12.14 26.18
C VAL A 269 -6.25 12.99 25.07
N PRO A 270 -7.20 12.38 24.28
CA PRO A 270 -7.67 13.03 23.07
C PRO A 270 -8.31 14.36 23.23
N SER A 271 -9.06 14.52 24.32
CA SER A 271 -9.73 15.75 24.57
C SER A 271 -8.72 16.86 24.92
N MET A 272 -7.49 16.54 25.29
CA MET A 272 -6.47 17.57 25.59
C MET A 272 -5.63 17.82 24.32
N ARG A 273 -5.80 16.97 23.34
CA ARG A 273 -5.01 17.08 22.14
C ARG A 273 -5.64 18.14 21.30
N ILE A 274 -4.83 18.86 20.51
CA ILE A 274 -5.34 19.92 19.63
C ILE A 274 -6.22 19.32 18.50
N SER A 275 -7.22 20.05 18.09
CA SER A 275 -7.96 19.72 16.91
C SER A 275 -7.17 20.01 15.61
N ALA A 276 -7.64 19.41 14.53
CA ALA A 276 -7.07 19.68 13.22
C ALA A 276 -7.15 21.15 12.88
N ARG A 277 -8.30 21.79 13.14
CA ARG A 277 -8.52 23.19 12.78
C ARG A 277 -7.60 24.08 13.58
N ASP A 278 -7.44 23.81 14.90
CA ASP A 278 -6.56 24.63 15.70
C ASP A 278 -5.11 24.39 15.31
N ALA A 279 -4.78 23.20 14.83
CA ALA A 279 -3.42 22.95 14.39
C ALA A 279 -3.08 23.81 13.21
N LEU A 280 -4.02 23.90 12.27
CA LEU A 280 -3.86 24.79 11.16
C LEU A 280 -3.54 26.24 11.58
N ASP A 281 -4.10 26.72 12.71
CA ASP A 281 -3.78 28.07 13.27
C ASP A 281 -2.49 28.15 14.10
N HIS A 282 -1.72 27.08 14.21
CA HIS A 282 -0.55 27.12 15.10
C HIS A 282 0.56 28.00 14.50
N GLU A 283 1.30 28.66 15.38
CA GLU A 283 2.43 29.52 15.00
C GLU A 283 3.37 28.88 13.95
N TRP A 284 3.79 27.65 14.15
CA TRP A 284 4.68 26.99 13.23
C TRP A 284 4.12 26.97 11.84
N ILE A 285 2.83 26.64 11.74
CA ILE A 285 2.13 26.65 10.45
C ILE A 285 2.01 28.11 9.97
N GLN A 286 1.50 28.98 10.79
CA GLN A 286 1.46 30.37 10.35
C GLN A 286 2.80 30.82 9.73
N THR A 287 3.87 30.59 10.44
CA THR A 287 5.18 31.12 10.09
C THR A 287 5.82 30.48 8.86
N TYR A 288 5.82 29.16 8.84
CA TYR A 288 6.62 28.39 7.90
C TYR A 288 5.93 28.18 6.56
N THR A 289 4.67 28.58 6.44
CA THR A 289 3.92 28.45 5.17
C THR A 289 3.54 29.80 4.57
N LYS A 290 4.01 30.88 5.18
CA LYS A 290 3.66 32.23 4.74
C LYS A 290 4.33 32.51 3.41
N GLU A 291 5.33 31.72 3.04
CA GLU A 291 5.94 31.86 1.72
C GLU A 291 6.55 33.26 1.55
N GLN A 292 7.36 33.60 2.53
CA GLN A 292 8.27 34.68 2.38
C GLN A 292 9.63 34.19 2.84
N ILE A 293 9.68 33.70 4.07
CA ILE A 293 10.94 33.40 4.78
C ILE A 293 11.77 32.20 4.27
N SER A 294 11.26 31.51 3.24
CA SER A 294 11.84 30.22 2.77
C SER A 294 13.36 30.23 2.40
N VAL A 295 13.82 31.26 1.69
CA VAL A 295 15.25 31.36 1.30
C VAL A 295 16.17 31.20 2.53
N ASP A 296 15.79 31.78 3.67
CA ASP A 296 16.52 31.55 4.90
C ASP A 296 15.89 30.43 5.74
N VAL A 297 16.43 29.22 5.65
CA VAL A 297 15.95 28.07 6.43
C VAL A 297 16.86 26.92 6.04
N PRO A 298 17.42 26.21 7.03
CA PRO A 298 18.30 25.10 6.66
C PRO A 298 17.59 23.88 6.03
N SER A 299 18.28 23.22 5.11
CA SER A 299 17.89 21.91 4.62
C SER A 299 18.20 20.88 5.73
N LEU A 300 17.40 19.81 5.84
CA LEU A 300 17.51 18.82 6.92
C LEU A 300 18.07 17.57 6.31
N ASP A 301 19.38 17.59 6.08
CA ASP A 301 20.04 16.54 5.30
C ASP A 301 20.03 15.16 6.04
N ASN A 302 20.16 15.21 7.36
CA ASN A 302 20.10 14.01 8.18
C ASN A 302 18.70 13.36 8.16
N ALA A 303 17.67 14.16 8.32
CA ALA A 303 16.31 13.69 8.27
C ALA A 303 15.94 13.02 6.93
N ILE A 304 16.36 13.64 5.83
CA ILE A 304 16.07 13.08 4.53
C ILE A 304 16.88 11.79 4.28
N LEU A 305 18.06 11.71 4.90
CA LEU A 305 18.82 10.47 4.84
C LEU A 305 18.14 9.35 5.61
N ASN A 306 17.61 9.68 6.79
CA ASN A 306 16.90 8.74 7.61
C ASN A 306 15.60 8.28 6.95
N ILE A 307 14.90 9.18 6.28
CA ILE A 307 13.67 8.78 5.56
C ILE A 307 13.95 7.84 4.38
N ARG A 308 15.00 8.12 3.63
CA ARG A 308 15.43 7.24 2.56
C ARG A 308 15.69 5.82 3.05
N GLN A 309 16.35 5.72 4.18
CA GLN A 309 16.57 4.42 4.81
C GLN A 309 15.30 3.82 5.33
N PHE A 310 14.47 4.59 6.03
CA PHE A 310 13.17 4.09 6.53
C PHE A 310 12.33 3.59 5.39
N GLN A 311 12.21 4.39 4.33
CA GLN A 311 11.35 4.02 3.22
C GLN A 311 11.83 2.75 2.53
N GLY A 312 13.13 2.68 2.19
CA GLY A 312 13.73 1.51 1.52
C GLY A 312 13.42 0.19 2.26
N THR A 313 13.62 0.26 3.54
CA THR A 313 13.32 -0.80 4.47
C THR A 313 11.88 -1.21 4.45
N GLN A 314 10.96 -0.24 4.50
CA GLN A 314 9.58 -0.57 4.51
C GLN A 314 9.18 -1.20 3.18
N LYS A 315 9.68 -0.66 2.08
CA LYS A 315 9.30 -1.22 0.76
C LYS A 315 9.87 -2.59 0.51
N LEU A 316 11.06 -2.86 1.11
CA LEU A 316 11.67 -4.19 0.98
C LEU A 316 10.91 -5.25 1.77
N ALA A 317 10.50 -4.92 3.00
CA ALA A 317 9.75 -5.89 3.83
C ALA A 317 8.42 -6.14 3.17
N GLN A 318 7.82 -5.12 2.63
CA GLN A 318 6.57 -5.24 1.87
C GLN A 318 6.64 -6.16 0.61
N ALA A 319 7.66 -5.96 -0.22
CA ALA A 319 7.97 -6.80 -1.38
C ALA A 319 8.29 -8.24 -1.02
N ALA A 320 8.93 -8.46 0.11
CA ALA A 320 9.18 -9.79 0.58
C ALA A 320 7.91 -10.51 0.90
N LEU A 321 6.99 -9.86 1.65
CA LEU A 321 5.68 -10.43 1.97
C LEU A 321 4.79 -10.66 0.80
N LEU A 322 4.79 -9.78 -0.17
CA LEU A 322 4.00 -9.98 -1.39
C LEU A 322 4.52 -11.09 -2.22
N TYR A 323 5.84 -11.17 -2.32
CA TYR A 323 6.47 -12.22 -3.10
C TYR A 323 6.16 -13.59 -2.46
N MET A 324 6.24 -13.68 -1.15
CA MET A 324 5.85 -14.91 -0.51
C MET A 324 4.37 -15.24 -0.73
N GLY A 325 3.50 -14.26 -0.55
CA GLY A 325 2.11 -14.42 -0.90
C GLY A 325 1.85 -14.89 -2.33
N SER A 326 2.59 -14.31 -3.27
CA SER A 326 2.42 -14.64 -4.71
C SER A 326 2.94 -16.04 -5.03
N LYS A 327 4.00 -16.47 -4.38
CA LYS A 327 4.41 -17.84 -4.57
C LYS A 327 3.31 -18.81 -4.05
N LEU A 328 2.74 -18.53 -2.88
CA LEU A 328 1.64 -19.35 -2.37
C LEU A 328 0.39 -19.31 -3.25
N THR A 329 -0.04 -18.14 -3.67
CA THR A 329 -1.14 -18.03 -4.66
C THR A 329 -0.91 -18.82 -5.95
N SER A 330 0.29 -18.68 -6.48
CA SER A 330 0.76 -19.41 -7.64
C SER A 330 0.73 -20.91 -7.49
N GLN A 331 1.20 -21.43 -6.35
CA GLN A 331 1.17 -22.85 -6.10
C GLN A 331 -0.27 -23.28 -6.14
N ASP A 332 -1.11 -22.54 -5.39
CA ASP A 332 -2.54 -22.85 -5.29
C ASP A 332 -3.17 -22.82 -6.69
N GLU A 333 -3.00 -21.71 -7.40
CA GLU A 333 -3.62 -21.57 -8.73
C GLU A 333 -3.10 -22.55 -9.79
N THR A 334 -1.83 -22.94 -9.74
CA THR A 334 -1.28 -23.87 -10.73
C THR A 334 -1.91 -25.23 -10.65
N LYS A 335 -2.07 -25.75 -9.44
CA LYS A 335 -2.69 -27.04 -9.23
C LYS A 335 -4.17 -27.00 -9.59
N GLU A 336 -4.84 -25.87 -9.29
CA GLU A 336 -6.27 -25.78 -9.53
C GLU A 336 -6.54 -25.76 -11.02
N LEU A 337 -5.73 -24.94 -11.71
CA LEU A 337 -5.89 -24.74 -13.13
C LEU A 337 -5.64 -26.07 -13.86
N THR A 338 -4.61 -26.78 -13.41
CA THR A 338 -4.25 -28.06 -13.98
C THR A 338 -5.38 -29.08 -13.80
N ALA A 339 -6.02 -29.08 -12.63
CA ALA A 339 -7.15 -29.96 -12.37
C ALA A 339 -8.37 -29.67 -13.26
N ILE A 340 -8.59 -28.41 -13.56
CA ILE A 340 -9.71 -27.98 -14.43
C ILE A 340 -9.52 -28.42 -15.90
N PHE A 341 -8.29 -28.27 -16.39
CA PHE A 341 -7.94 -28.73 -17.72
C PHE A 341 -7.90 -30.25 -17.85
N HIS A 342 -7.37 -30.95 -16.84
CA HIS A 342 -7.44 -32.42 -16.85
C HIS A 342 -8.90 -32.83 -16.95
N LYS A 343 -9.76 -32.36 -16.06
CA LYS A 343 -11.18 -32.73 -16.04
C LYS A 343 -11.92 -32.31 -17.31
N MET A 344 -11.38 -31.29 -17.99
CA MET A 344 -11.89 -30.88 -19.31
C MET A 344 -11.50 -31.85 -20.42
N ASP A 345 -10.28 -32.38 -20.33
CA ASP A 345 -9.66 -33.17 -21.40
C ASP A 345 -10.21 -34.63 -21.43
N LYS A 346 -11.41 -34.81 -21.99
CA LYS A 346 -11.93 -36.15 -22.26
C LYS A 346 -11.08 -36.86 -23.30
N ASN A 347 -10.36 -36.09 -24.09
CA ASN A 347 -9.39 -36.64 -25.01
C ASN A 347 -8.38 -37.48 -24.26
N GLY A 348 -8.06 -37.06 -23.04
CA GLY A 348 -7.12 -37.78 -22.21
C GLY A 348 -5.84 -37.60 -22.98
N ASP A 349 -5.90 -36.64 -23.88
CA ASP A 349 -4.88 -36.46 -24.87
C ASP A 349 -3.84 -35.45 -24.38
N GLY A 350 -4.23 -34.63 -23.39
CA GLY A 350 -3.40 -33.53 -22.93
C GLY A 350 -3.35 -32.40 -23.93
N GLN A 351 -4.03 -32.55 -25.06
CA GLN A 351 -4.10 -31.49 -26.03
C GLN A 351 -5.27 -30.66 -25.54
N LEU A 352 -5.19 -29.35 -25.76
CA LEU A 352 -6.36 -28.49 -25.56
C LEU A 352 -6.46 -27.30 -26.52
N ASP A 353 -7.69 -26.85 -26.76
CA ASP A 353 -7.95 -25.79 -27.73
C ASP A 353 -8.35 -24.46 -27.04
N ARG A 354 -8.33 -23.35 -27.80
CA ARG A 354 -8.52 -21.99 -27.27
C ARG A 354 -9.82 -21.74 -26.46
N ALA A 355 -10.99 -21.92 -27.06
CA ALA A 355 -12.28 -21.66 -26.36
C ALA A 355 -12.38 -22.38 -25.01
N GLU A 356 -11.73 -23.54 -24.93
CA GLU A 356 -11.68 -24.28 -23.67
C GLU A 356 -10.70 -23.67 -22.64
N LEU A 357 -9.48 -23.34 -23.07
CA LEU A 357 -8.54 -22.62 -22.21
C LEU A 357 -9.23 -21.46 -21.55
N ILE A 358 -9.94 -20.67 -22.35
CA ILE A 358 -10.75 -19.54 -21.84
C ILE A 358 -11.84 -19.99 -20.86
N GLU A 359 -12.58 -21.02 -21.24
CA GLU A 359 -13.65 -21.60 -20.41
C GLU A 359 -13.12 -22.05 -19.03
N GLY A 360 -11.97 -22.71 -19.05
CA GLY A 360 -11.32 -23.23 -17.82
C GLY A 360 -10.72 -22.13 -16.97
N TYR A 361 -9.97 -21.24 -17.64
CA TYR A 361 -9.45 -20.04 -17.03
C TYR A 361 -10.56 -19.21 -16.38
N LYS A 362 -11.71 -19.14 -17.01
CA LYS A 362 -12.90 -18.52 -16.41
C LYS A 362 -13.39 -19.31 -15.20
N GLU A 363 -13.43 -20.65 -15.33
CA GLU A 363 -13.88 -21.49 -14.22
C GLU A 363 -12.90 -21.30 -13.02
N LEU A 364 -11.62 -21.08 -13.33
CA LEU A 364 -10.65 -20.72 -12.31
C LEU A 364 -11.15 -19.47 -11.61
N MET A 365 -11.36 -18.41 -12.36
CA MET A 365 -11.73 -17.14 -11.76
C MET A 365 -13.00 -17.32 -10.96
N ARG A 366 -13.86 -18.19 -11.45
CA ARG A 366 -15.16 -18.42 -10.84
C ARG A 366 -14.98 -18.71 -9.36
N MET A 367 -14.02 -19.60 -9.08
CA MET A 367 -13.84 -20.10 -7.72
C MET A 367 -12.74 -19.37 -6.96
N LYS A 368 -11.63 -19.09 -7.65
CA LYS A 368 -10.57 -18.28 -7.07
C LYS A 368 -11.04 -16.86 -6.88
N GLY A 369 -11.68 -16.30 -7.91
CA GLY A 369 -11.70 -14.86 -8.09
C GLY A 369 -10.24 -14.43 -8.00
N GLN A 370 -10.00 -13.42 -7.15
CA GLN A 370 -8.66 -12.87 -6.85
C GLN A 370 -8.22 -11.78 -7.86
N ASP A 371 -8.96 -11.60 -8.96
CA ASP A 371 -8.43 -10.84 -10.10
C ASP A 371 -9.32 -9.68 -10.49
N ALA A 372 -8.95 -8.53 -9.95
CA ALA A 372 -9.52 -7.28 -10.37
C ALA A 372 -9.23 -7.06 -11.87
N SER A 373 -8.08 -7.54 -12.34
CA SER A 373 -7.70 -7.39 -13.77
C SER A 373 -8.65 -8.09 -14.75
N MET A 374 -9.20 -9.21 -14.30
CA MET A 374 -10.09 -10.01 -15.11
C MET A 374 -11.51 -9.68 -14.76
N LEU A 375 -11.91 -8.44 -14.97
CA LEU A 375 -13.21 -8.01 -14.51
C LEU A 375 -14.35 -8.42 -15.42
N ASP A 376 -14.02 -8.89 -16.61
CA ASP A 376 -15.05 -9.46 -17.46
C ASP A 376 -14.49 -10.56 -18.32
N ALA A 377 -15.40 -11.30 -18.95
CA ALA A 377 -15.07 -12.39 -19.86
C ALA A 377 -14.04 -11.96 -20.91
N SER A 378 -14.14 -10.71 -21.37
CA SER A 378 -13.23 -10.19 -22.40
C SER A 378 -11.81 -9.95 -21.92
N ALA A 379 -11.68 -9.62 -20.64
CA ALA A 379 -10.37 -9.44 -20.01
C ALA A 379 -9.63 -10.76 -20.03
N VAL A 380 -10.40 -11.82 -19.88
CA VAL A 380 -9.88 -13.19 -19.78
C VAL A 380 -9.41 -13.70 -21.11
N GLU A 381 -10.22 -13.45 -22.14
CA GLU A 381 -9.89 -13.86 -23.50
C GLU A 381 -8.58 -13.22 -23.89
N HIS A 382 -8.42 -11.96 -23.52
CA HIS A 382 -7.22 -11.26 -23.90
C HIS A 382 -6.01 -11.73 -23.14
N GLU A 383 -6.15 -12.04 -21.86
CA GLU A 383 -5.04 -12.65 -21.11
C GLU A 383 -4.67 -14.05 -21.71
N VAL A 384 -5.67 -14.82 -22.13
CA VAL A 384 -5.38 -16.11 -22.80
C VAL A 384 -4.57 -15.87 -24.09
N ASP A 385 -4.99 -14.87 -24.87
CA ASP A 385 -4.30 -14.58 -26.10
C ASP A 385 -2.87 -14.11 -25.90
N GLN A 386 -2.62 -13.32 -24.85
CA GLN A 386 -1.27 -12.87 -24.50
C GLN A 386 -0.39 -14.05 -24.09
N VAL A 387 -0.95 -15.01 -23.38
CA VAL A 387 -0.19 -16.21 -23.02
C VAL A 387 0.19 -17.01 -24.25
N LEU A 388 -0.80 -17.23 -25.12
CA LEU A 388 -0.59 -17.89 -26.37
C LEU A 388 0.38 -17.12 -27.29
N ASP A 389 0.36 -15.80 -27.26
CA ASP A 389 1.36 -15.02 -28.00
C ASP A 389 2.78 -15.11 -27.46
N ALA A 390 2.94 -15.49 -26.20
CA ALA A 390 4.28 -15.84 -25.71
C ALA A 390 4.57 -17.32 -26.04
N VAL A 391 3.51 -18.09 -26.30
CA VAL A 391 3.61 -19.53 -26.57
C VAL A 391 3.53 -19.88 -28.06
N ASP A 392 4.69 -20.15 -28.66
CA ASP A 392 4.75 -21.08 -29.77
C ASP A 392 3.78 -20.71 -30.90
N PHE A 393 2.96 -21.65 -31.36
CA PHE A 393 2.21 -21.43 -32.58
C PHE A 393 0.71 -21.66 -32.49
N ASP A 394 0.02 -21.11 -33.48
CA ASP A 394 -1.40 -21.32 -33.66
C ASP A 394 -2.19 -21.00 -32.40
N LYS A 395 -2.33 -19.70 -32.14
CA LYS A 395 -3.20 -19.21 -31.07
C LYS A 395 -4.49 -20.02 -31.12
N ASN A 396 -5.11 -20.01 -32.30
CA ASN A 396 -6.21 -20.91 -32.58
C ASN A 396 -5.64 -22.24 -33.11
N GLY A 397 -5.56 -23.21 -32.21
CA GLY A 397 -5.03 -24.53 -32.50
C GLY A 397 -5.55 -25.36 -31.36
N TYR A 398 -5.21 -26.65 -31.33
CA TYR A 398 -5.58 -27.57 -30.24
C TYR A 398 -4.28 -27.68 -29.44
N ILE A 399 -4.34 -27.33 -28.17
CA ILE A 399 -3.14 -27.01 -27.37
C ILE A 399 -2.90 -27.96 -26.17
N GLU A 400 -1.62 -28.14 -25.81
CA GLU A 400 -1.26 -28.99 -24.66
C GLU A 400 -1.19 -28.24 -23.34
N TYR A 401 -2.22 -28.49 -22.55
CA TYR A 401 -2.58 -27.64 -21.43
C TYR A 401 -1.47 -27.38 -20.42
N SER A 402 -0.65 -28.38 -20.10
CA SER A 402 0.42 -28.24 -19.10
C SER A 402 1.41 -27.10 -19.39
N GLU A 403 1.72 -26.89 -20.67
CA GLU A 403 2.74 -25.92 -21.03
C GLU A 403 2.13 -24.50 -20.93
N PHE A 404 0.85 -24.39 -21.24
CA PHE A 404 0.13 -23.13 -21.07
C PHE A 404 0.01 -22.75 -19.59
N VAL A 405 -0.19 -23.73 -18.72
CA VAL A 405 -0.33 -23.45 -17.29
C VAL A 405 0.97 -22.76 -16.76
N THR A 406 2.12 -23.25 -17.22
CA THR A 406 3.42 -22.71 -16.80
C THR A 406 3.54 -21.25 -17.14
N VAL A 407 3.30 -20.91 -18.40
CA VAL A 407 3.51 -19.56 -18.85
C VAL A 407 2.44 -18.65 -18.25
N ALA A 408 1.19 -19.10 -18.14
CA ALA A 408 0.12 -18.24 -17.59
C ALA A 408 0.42 -17.81 -16.16
N MET A 409 1.01 -18.73 -15.38
CA MET A 409 1.29 -18.50 -13.95
C MET A 409 2.54 -17.65 -13.74
N ASP A 410 3.59 -17.88 -14.51
CA ASP A 410 4.79 -17.04 -14.46
C ASP A 410 4.40 -15.59 -14.70
N ARG A 411 3.47 -15.37 -15.60
CA ARG A 411 3.13 -14.01 -15.99
C ARG A 411 2.54 -13.37 -14.77
N LYS A 412 1.73 -14.16 -14.08
CA LYS A 412 1.00 -13.64 -12.95
C LYS A 412 1.98 -13.20 -11.85
N THR A 413 3.01 -13.99 -11.62
CA THR A 413 3.94 -13.72 -10.55
C THR A 413 4.95 -12.64 -10.83
N LEU A 414 5.67 -12.74 -11.94
CA LEU A 414 7.02 -12.20 -11.98
C LEU A 414 7.00 -10.73 -11.72
N LEU A 415 5.80 -10.12 -11.74
CA LEU A 415 5.65 -8.75 -11.26
C LEU A 415 6.10 -8.57 -9.81
N SER A 416 5.75 -9.55 -9.00
CA SER A 416 6.35 -9.76 -7.68
C SER A 416 7.83 -10.05 -7.76
N ARG A 417 8.21 -11.02 -8.58
CA ARG A 417 9.61 -11.41 -8.67
C ARG A 417 10.47 -10.25 -9.17
N GLU A 418 9.83 -9.24 -9.69
CA GLU A 418 10.50 -8.14 -10.34
C GLU A 418 10.55 -7.00 -9.40
N ARG A 419 9.46 -6.85 -8.66
CA ARG A 419 9.34 -5.80 -7.70
C ARG A 419 10.25 -6.14 -6.54
N LEU A 420 10.41 -7.45 -6.30
CA LEU A 420 11.28 -7.90 -5.20
C LEU A 420 12.68 -7.51 -5.49
N GLU A 421 13.14 -7.87 -6.72
CA GLU A 421 14.49 -7.53 -7.15
C GLU A 421 14.71 -6.02 -7.13
N ARG A 422 13.76 -5.29 -7.66
CA ARG A 422 13.87 -3.83 -7.64
C ARG A 422 13.93 -3.28 -6.21
N ALA A 423 13.11 -3.78 -5.29
CA ALA A 423 13.16 -3.20 -3.96
C ALA A 423 14.45 -3.56 -3.25
N PHE A 424 15.06 -4.68 -3.61
CA PHE A 424 16.37 -5.09 -3.01
C PHE A 424 17.46 -4.21 -3.59
N ARG A 425 17.46 -4.00 -4.91
CA ARG A 425 18.34 -2.99 -5.53
C ARG A 425 18.26 -1.62 -4.87
N MET A 426 17.05 -1.15 -4.60
CA MET A 426 16.87 0.17 -3.99
C MET A 426 17.39 0.19 -2.55
N PHE A 427 17.12 -0.87 -1.81
CA PHE A 427 17.52 -0.95 -0.43
C PHE A 427 19.06 -0.96 -0.33
N ASP A 428 19.71 -1.67 -1.23
CA ASP A 428 21.17 -1.69 -1.30
C ASP A 428 21.73 -0.40 -1.89
N SER A 429 21.66 0.67 -1.11
CA SER A 429 21.97 2.04 -1.61
C SER A 429 23.43 2.24 -2.04
N ASP A 430 24.35 1.53 -1.39
CA ASP A 430 25.77 1.61 -1.71
CA ASP A 430 25.77 1.63 -1.73
C ASP A 430 26.19 0.61 -2.82
N ASN A 431 25.21 -0.08 -3.41
CA ASN A 431 25.43 -1.01 -4.47
C ASN A 431 26.49 -2.09 -4.17
N SER A 432 26.47 -2.60 -2.97
CA SER A 432 27.41 -3.67 -2.54
C SER A 432 26.97 -5.06 -3.07
N GLY A 433 25.71 -5.15 -3.48
CA GLY A 433 25.16 -6.42 -3.87
C GLY A 433 24.64 -7.26 -2.72
N LYS A 434 24.72 -6.72 -1.50
CA LYS A 434 24.53 -7.53 -0.28
C LYS A 434 23.74 -6.85 0.76
N ILE A 435 23.11 -7.63 1.62
CA ILE A 435 22.47 -7.09 2.79
C ILE A 435 23.04 -7.85 4.02
N SER A 436 23.43 -7.09 5.04
CA SER A 436 24.14 -7.62 6.16
C SER A 436 23.13 -8.32 7.07
N SER A 437 23.62 -9.03 8.08
CA SER A 437 22.72 -9.82 8.90
C SER A 437 21.90 -8.90 9.71
N THR A 438 22.49 -7.76 10.08
CA THR A 438 21.79 -6.75 10.86
C THR A 438 20.66 -6.13 10.04
N GLU A 439 20.94 -5.76 8.82
CA GLU A 439 19.87 -5.34 7.92
C GLU A 439 18.77 -6.36 7.79
N LEU A 440 19.11 -7.64 7.63
CA LEU A 440 18.04 -8.65 7.63
C LEU A 440 17.22 -8.64 8.89
N ALA A 441 17.88 -8.50 10.03
CA ALA A 441 17.19 -8.55 11.32
C ALA A 441 16.09 -7.48 11.36
N THR A 442 16.46 -6.26 10.94
CA THR A 442 15.51 -5.19 10.72
C THR A 442 14.43 -5.55 9.68
N ILE A 443 14.85 -6.02 8.57
CA ILE A 443 13.85 -6.34 7.45
C ILE A 443 12.77 -7.39 7.87
N PHE A 444 13.26 -8.44 8.53
CA PHE A 444 12.40 -9.50 9.03
C PHE A 444 11.65 -9.05 10.25
N GLY A 445 12.21 -8.18 11.07
CA GLY A 445 11.48 -7.64 12.22
C GLY A 445 10.25 -6.85 11.77
N VAL A 446 10.46 -5.91 10.88
CA VAL A 446 9.34 -5.21 10.24
C VAL A 446 8.34 -6.18 9.50
N SER A 447 8.81 -7.29 8.95
CA SER A 447 7.91 -8.26 8.27
C SER A 447 7.29 -9.23 9.26
N ASP A 448 7.70 -9.11 10.53
N ASP A 448 7.70 -9.13 10.54
CA ASP A 448 7.22 -9.95 11.65
CA ASP A 448 7.16 -9.98 11.63
C ASP A 448 7.48 -11.44 11.42
C ASP A 448 7.48 -11.47 11.42
N VAL A 449 8.68 -11.75 10.91
CA VAL A 449 9.19 -13.11 10.78
C VAL A 449 10.07 -13.44 12.00
N ASP A 450 9.71 -14.50 12.71
CA ASP A 450 10.47 -14.89 13.89
C ASP A 450 12.02 -15.04 13.63
N SER A 451 12.80 -14.53 14.57
CA SER A 451 14.24 -14.42 14.44
C SER A 451 14.91 -15.77 14.28
N GLU A 452 14.46 -16.72 15.08
CA GLU A 452 15.00 -18.05 15.07
C GLU A 452 14.62 -18.72 13.75
N THR A 453 13.47 -18.40 13.21
CA THR A 453 12.97 -19.04 12.01
C THR A 453 13.82 -18.60 10.80
N TRP A 454 14.12 -17.31 10.68
CA TRP A 454 14.90 -16.85 9.52
C TRP A 454 16.39 -17.18 9.62
N LYS A 455 16.95 -16.97 10.83
CA LYS A 455 18.33 -17.45 11.15
C LYS A 455 18.50 -18.92 10.77
N SER A 456 17.51 -19.69 11.16
CA SER A 456 17.46 -21.06 10.75
C SER A 456 17.51 -21.24 9.23
N VAL A 457 16.69 -20.47 8.53
CA VAL A 457 16.62 -20.51 7.05
C VAL A 457 17.88 -19.96 6.40
N LEU A 458 18.42 -18.90 6.95
CA LEU A 458 19.74 -18.36 6.58
C LEU A 458 20.87 -19.38 6.62
N SER A 459 20.82 -20.31 7.59
CA SER A 459 21.85 -21.28 7.73
C SER A 459 21.71 -22.42 6.74
N GLU A 460 20.51 -22.69 6.28
CA GLU A 460 20.27 -23.82 5.35
C GLU A 460 20.52 -23.52 3.87
N VAL A 461 20.28 -22.26 3.45
CA VAL A 461 20.67 -21.80 2.11
C VAL A 461 22.22 -21.76 1.99
N ASP A 462 22.89 -20.83 2.68
CA ASP A 462 24.36 -20.81 2.69
C ASP A 462 24.94 -21.25 4.05
N LYS A 463 25.33 -22.52 4.10
CA LYS A 463 25.86 -23.12 5.29
C LYS A 463 27.30 -22.64 5.62
N ASN A 464 27.85 -21.73 4.84
CA ASN A 464 29.19 -21.19 5.08
C ASN A 464 29.18 -19.67 5.24
N ASN A 465 28.00 -19.06 5.25
CA ASN A 465 27.95 -17.62 5.03
C ASN A 465 28.58 -16.84 6.17
N ASP A 466 28.83 -15.55 5.91
CA ASP A 466 29.48 -14.70 6.86
C ASP A 466 28.60 -13.49 7.04
N GLY A 467 27.36 -13.72 7.46
CA GLY A 467 26.45 -12.64 7.82
C GLY A 467 26.11 -11.60 6.74
N GLU A 468 25.93 -12.03 5.51
CA GLU A 468 25.42 -11.19 4.44
C GLU A 468 24.87 -12.11 3.37
N VAL A 469 23.87 -11.63 2.66
CA VAL A 469 23.26 -12.36 1.57
C VAL A 469 23.19 -11.53 0.27
N ASP A 470 23.37 -12.19 -0.87
CA ASP A 470 23.12 -11.60 -2.18
C ASP A 470 21.63 -11.72 -2.48
N PHE A 471 21.21 -11.14 -3.60
CA PHE A 471 19.81 -11.19 -3.97
C PHE A 471 19.34 -12.66 -4.17
N ASP A 472 20.11 -13.49 -4.84
CA ASP A 472 19.61 -14.87 -5.07
C ASP A 472 19.42 -15.66 -3.73
N GLU A 473 20.32 -15.44 -2.77
CA GLU A 473 20.26 -16.12 -1.49
C GLU A 473 19.08 -15.56 -0.69
N PHE A 474 18.85 -14.26 -0.80
CA PHE A 474 17.72 -13.64 -0.06
C PHE A 474 16.42 -14.21 -0.64
N GLN A 475 16.34 -14.28 -1.96
CA GLN A 475 15.17 -14.88 -2.56
C GLN A 475 14.99 -16.34 -2.16
N GLN A 476 16.04 -17.14 -2.20
CA GLN A 476 15.91 -18.56 -1.73
C GLN A 476 15.39 -18.59 -0.28
N MET A 477 15.88 -17.68 0.59
CA MET A 477 15.41 -17.67 1.98
C MET A 477 13.91 -17.48 2.08
N LEU A 478 13.38 -16.49 1.36
CA LEU A 478 11.93 -16.25 1.33
C LEU A 478 11.17 -17.41 0.77
N LEU A 479 11.78 -18.12 -0.18
CA LEU A 479 11.09 -19.31 -0.75
C LEU A 479 10.96 -20.36 0.30
N LYS A 480 11.96 -20.44 1.15
CA LYS A 480 11.93 -21.48 2.17
C LYS A 480 11.01 -21.10 3.30
N LEU A 481 10.84 -19.80 3.51
CA LEU A 481 9.88 -19.27 4.48
C LEU A 481 8.40 -19.40 4.04
N CYS A 482 8.15 -19.77 2.79
CA CYS A 482 6.79 -20.01 2.37
C CYS A 482 6.63 -21.40 1.89
N GLY A 483 7.32 -22.31 2.56
CA GLY A 483 7.06 -23.73 2.46
C GLY A 483 7.72 -24.35 1.26
N ASN A 484 8.65 -23.63 0.62
CA ASN A 484 9.37 -24.19 -0.53
C ASN A 484 10.84 -24.34 -0.21
#